data_4WH8
#
_entry.id   4WH8
#
_cell.length_a   58.412
_cell.length_b   54.975
_cell.length_c   59.859
_cell.angle_alpha   90.000
_cell.angle_beta   90.090
_cell.angle_gamma   90.000
#
_symmetry.space_group_name_H-M   'P 1 21 1'
#
loop_
_entity.id
_entity.type
_entity.pdbx_description
1 polymer 'Genome polyprotein'
2 non-polymer 'tert-butyl {(2R,4S,6S,12Z,13aS,14aR,16aS)-2-[(7-chloro-4-methoxyisoquinolin-1-yl)oxy]-14a-[(cyclopropanesulfonyl)carbamoyl]-5,16-dioxo-1,2,3,5,6,7,8,9,10,11,13a,14,14a,15,16,16a-hexadecahydrocyclopropa[e]pyrrolo[1,2-a][1,4]diazacyclopentadecin-6-yl}carbamate'
3 non-polymer 'SULFATE ION'
4 non-polymer 'ZINC ION'
5 water water
#
_entity_poly.entity_id   1
_entity_poly.type   'polypeptide(L)'
_entity_poly.pdbx_seq_one_letter_code
;HMASMKKKGSVVIVGRINLSGDTAYAQQTRGEEGCQETSQTGRDKNQVEGEVQIVSTATQTFLATSINGVLWTVYHGAGT
RTIASPKGPVTQMYTNVDKDLVGWQAPQGSRSLTPCTCGSSDLYLVTRHADVIPVRRRGDSRGSLLSPRPISYLKGSAGG
PLLCPAGHAVGIFRAAVCTRGVAKAVDFIPVESLETTM
;
_entity_poly.pdbx_strand_id   A,B
#
# COMPACT_ATOMS: atom_id res chain seq x y z
N HIS A 1 -14.24 -7.88 -17.23
CA HIS A 1 -14.24 -9.25 -16.75
C HIS A 1 -12.90 -9.58 -16.07
N MET A 2 -12.87 -10.69 -15.33
CA MET A 2 -11.71 -11.19 -14.60
C MET A 2 -10.47 -11.82 -15.25
N ALA A 3 -10.63 -12.50 -16.37
CA ALA A 3 -9.46 -13.04 -17.07
C ALA A 3 -8.49 -12.01 -17.63
N SER A 4 -8.97 -10.87 -18.08
CA SER A 4 -8.12 -9.81 -18.61
C SER A 4 -7.89 -8.58 -17.73
N MET A 5 -7.73 -8.78 -16.43
CA MET A 5 -7.58 -7.63 -15.55
C MET A 5 -6.13 -7.15 -15.58
N LYS A 6 -5.93 -5.84 -15.73
CA LYS A 6 -4.57 -5.33 -15.83
C LYS A 6 -3.86 -5.06 -14.49
N LYS A 7 -2.55 -5.07 -14.49
CA LYS A 7 -1.75 -4.75 -13.30
C LYS A 7 -1.37 -3.30 -13.36
N LYS A 8 -1.04 -2.72 -12.24
CA LYS A 8 -0.66 -1.33 -12.25
C LYS A 8 0.86 -1.44 -12.31
N GLY A 9 1.51 -0.46 -12.94
CA GLY A 9 2.95 -0.46 -13.06
C GLY A 9 3.72 -0.20 -11.80
N SER A 10 5.03 -0.44 -11.88
CA SER A 10 5.91 -0.06 -10.79
C SER A 10 6.26 1.43 -10.88
N VAL A 11 6.58 2.04 -9.74
CA VAL A 11 7.31 3.28 -9.72
C VAL A 11 8.68 3.01 -10.32
N VAL A 12 9.19 3.95 -11.12
CA VAL A 12 10.47 3.79 -11.78
C VAL A 12 11.37 4.96 -11.47
N ILE A 13 12.61 4.68 -11.06
CA ILE A 13 13.62 5.74 -10.93
C ILE A 13 14.10 6.17 -12.30
N VAL A 14 13.92 7.45 -12.60
CA VAL A 14 14.27 7.97 -13.92
C VAL A 14 15.37 9.03 -13.93
N GLY A 15 15.89 9.37 -12.76
CA GLY A 15 16.93 10.37 -12.66
C GLY A 15 17.22 10.64 -11.20
N ARG A 16 18.01 11.67 -10.94
CA ARG A 16 18.35 12.03 -9.59
C ARG A 16 18.62 13.52 -9.44
N ILE A 17 18.56 14.02 -8.20
CA ILE A 17 19.02 15.38 -7.96
C ILE A 17 20.38 15.26 -7.28
N ASN A 18 21.40 15.74 -7.98
CA ASN A 18 22.77 15.64 -7.55
C ASN A 18 23.01 16.81 -6.62
N LEU A 19 23.48 16.49 -5.42
CA LEU A 19 23.73 17.43 -4.36
C LEU A 19 25.17 17.27 -3.89
N SER A 20 25.94 16.45 -4.57
CA SER A 20 27.27 16.12 -4.05
C SER A 20 28.42 17.04 -4.44
N GLY A 21 28.13 18.03 -5.26
CA GLY A 21 29.08 19.08 -5.63
C GLY A 21 28.91 20.32 -4.81
N ASP A 22 29.46 21.41 -5.38
CA ASP A 22 29.12 22.76 -4.94
C ASP A 22 27.89 23.21 -5.76
N THR A 23 27.43 22.38 -6.71
CA THR A 23 26.31 22.75 -7.56
C THR A 23 25.26 21.63 -7.49
N ALA A 24 24.00 22.04 -7.44
CA ALA A 24 22.86 21.15 -7.53
C ALA A 24 22.33 21.13 -8.96
N TYR A 25 22.11 19.94 -9.48
CA TYR A 25 21.57 19.77 -10.83
C TYR A 25 20.85 18.45 -11.00
N ALA A 26 19.85 18.45 -11.86
CA ALA A 26 19.11 17.24 -12.14
C ALA A 26 19.82 16.45 -13.24
N GLN A 27 19.80 15.13 -13.08
CA GLN A 27 20.33 14.20 -14.06
C GLN A 27 19.26 13.21 -14.41
N GLN A 28 19.01 13.00 -15.69
CA GLN A 28 18.11 11.95 -16.11
C GLN A 28 18.94 10.70 -16.43
N THR A 29 18.46 9.54 -15.99
CA THR A 29 19.20 8.30 -16.19
C THR A 29 18.42 7.32 -17.05
N ARG A 30 17.13 7.60 -17.28
CA ARG A 30 16.32 6.79 -18.15
C ARG A 30 15.29 7.67 -18.85
N GLY A 31 15.16 7.52 -20.17
CA GLY A 31 14.10 8.21 -20.90
C GLY A 31 12.72 7.55 -20.88
N GLU A 32 11.75 8.19 -21.53
CA GLU A 32 10.33 7.81 -21.45
C GLU A 32 10.03 6.39 -21.93
N GLU A 33 10.63 5.98 -23.04
CA GLU A 33 10.27 4.69 -23.58
C GLU A 33 10.80 3.64 -22.63
N GLY A 34 12.05 3.82 -22.17
CA GLY A 34 12.66 2.96 -21.18
C GLY A 34 11.88 2.88 -19.89
N CYS A 35 11.36 4.01 -19.46
CA CYS A 35 10.53 4.07 -18.27
C CYS A 35 9.27 3.21 -18.42
N GLN A 36 8.62 3.30 -19.58
CA GLN A 36 7.39 2.55 -19.81
C GLN A 36 7.64 1.05 -19.70
N GLU A 37 8.67 0.57 -20.36
CA GLU A 37 9.03 -0.85 -20.34
C GLU A 37 9.31 -1.28 -18.89
N THR A 38 10.13 -0.51 -18.18
CA THR A 38 10.55 -0.84 -16.81
C THR A 38 9.37 -0.86 -15.82
N SER A 39 8.41 0.01 -16.06
CA SER A 39 7.24 0.07 -15.23
C SER A 39 6.44 -1.20 -15.30
N GLN A 40 6.34 -1.77 -16.49
CA GLN A 40 5.57 -2.99 -16.71
C GLN A 40 6.32 -4.22 -16.20
N THR A 41 7.59 -4.33 -16.52
CA THR A 41 8.32 -5.51 -16.09
C THR A 41 8.71 -5.41 -14.62
N GLY A 42 8.96 -4.19 -14.14
CA GLY A 42 9.55 -3.98 -12.83
C GLY A 42 11.01 -4.30 -12.69
N ARG A 43 11.71 -4.53 -13.81
CA ARG A 43 13.11 -4.90 -13.72
C ARG A 43 13.92 -3.71 -14.21
N ASP A 44 14.61 -3.07 -13.26
CA ASP A 44 15.44 -1.90 -13.49
C ASP A 44 16.88 -2.28 -13.14
N LYS A 45 17.71 -2.41 -14.18
CA LYS A 45 19.12 -2.77 -14.03
C LYS A 45 20.08 -1.56 -13.95
N ASN A 46 19.54 -0.34 -14.00
CA ASN A 46 20.37 0.87 -13.86
C ASN A 46 21.01 0.99 -12.50
N GLN A 47 22.16 1.65 -12.46
CA GLN A 47 22.81 1.93 -11.20
C GLN A 47 22.31 3.21 -10.56
N VAL A 48 21.78 3.02 -9.35
CA VAL A 48 21.25 4.12 -8.58
C VAL A 48 22.35 4.87 -7.80
N GLU A 49 22.29 6.20 -7.73
CA GLU A 49 23.24 6.98 -6.92
C GLU A 49 22.48 8.10 -6.22
N GLY A 50 23.01 8.52 -5.08
CA GLY A 50 22.55 9.72 -4.40
C GLY A 50 21.37 9.56 -3.47
N GLU A 51 20.83 10.67 -3.00
CA GLU A 51 19.85 10.72 -1.91
C GLU A 51 18.44 11.00 -2.41
N VAL A 52 18.37 11.85 -3.44
CA VAL A 52 17.11 12.29 -3.98
C VAL A 52 16.95 11.73 -5.38
N GLN A 53 15.94 10.89 -5.56
CA GLN A 53 15.63 10.31 -6.85
C GLN A 53 14.49 10.99 -7.53
N ILE A 54 14.55 11.03 -8.85
CA ILE A 54 13.42 11.42 -9.65
C ILE A 54 12.72 10.14 -10.06
N VAL A 55 11.41 10.08 -9.81
CA VAL A 55 10.67 8.85 -10.03
C VAL A 55 9.43 9.10 -10.89
N SER A 56 9.00 8.06 -11.60
CA SER A 56 7.83 8.17 -12.50
C SER A 56 6.92 6.98 -12.39
N THR A 57 5.64 7.25 -12.57
CA THR A 57 4.69 6.22 -12.92
C THR A 57 4.34 6.48 -14.36
N ALA A 58 3.38 5.74 -14.89
CA ALA A 58 2.96 5.98 -16.25
C ALA A 58 2.30 7.32 -16.44
N THR A 59 1.75 7.90 -15.38
CA THR A 59 0.98 9.12 -15.57
C THR A 59 1.51 10.35 -14.89
N GLN A 60 2.46 10.20 -13.97
CA GLN A 60 2.95 11.31 -13.15
C GLN A 60 4.44 11.15 -12.91
N THR A 61 5.11 12.29 -12.73
CA THR A 61 6.48 12.33 -12.23
C THR A 61 6.71 13.19 -10.99
N PHE A 62 7.53 12.68 -10.08
CA PHE A 62 7.77 13.29 -8.76
C PHE A 62 9.12 12.87 -8.12
N LEU A 63 9.30 13.06 -6.81
CA LEU A 63 10.59 12.77 -6.20
C LEU A 63 10.48 11.70 -5.12
N ALA A 64 11.62 11.15 -4.75
CA ALA A 64 11.70 10.24 -3.62
C ALA A 64 13.03 10.45 -2.92
N THR A 65 13.02 10.35 -1.60
CA THR A 65 14.17 10.72 -0.83
C THR A 65 14.54 9.57 0.09
N SER A 66 15.74 9.10 -0.05
CA SER A 66 16.28 8.18 0.98
C SER A 66 16.76 8.75 2.42
N ILE A 67 16.11 8.10 3.39
CA ILE A 67 16.43 8.46 4.78
C ILE A 67 16.44 7.17 5.62
N ASN A 68 17.53 6.93 6.38
CA ASN A 68 17.66 5.71 7.21
C ASN A 68 17.45 4.43 6.40
N GLY A 69 17.97 4.37 5.18
CA GLY A 69 17.88 3.14 4.43
C GLY A 69 16.53 2.89 3.82
N VAL A 70 15.67 3.91 3.84
CA VAL A 70 14.36 3.80 3.23
C VAL A 70 14.21 4.88 2.15
N LEU A 71 13.70 4.50 0.99
CA LEU A 71 13.38 5.46 -0.04
C LEU A 71 11.91 5.89 0.17
N TRP A 72 11.72 7.14 0.54
CA TRP A 72 10.41 7.63 0.89
C TRP A 72 9.80 8.49 -0.22
N THR A 73 8.48 8.42 -0.38
CA THR A 73 7.77 9.35 -1.26
C THR A 73 6.33 9.53 -0.82
N VAL A 74 5.58 10.26 -1.62
CA VAL A 74 4.17 10.58 -1.30
C VAL A 74 3.19 9.52 -1.85
N TYR A 75 2.18 9.17 -1.04
CA TYR A 75 1.12 8.23 -1.46
C TYR A 75 0.32 8.74 -2.67
N HIS A 76 0.05 10.05 -2.69
CA HIS A 76 -0.75 10.62 -3.78
C HIS A 76 0.01 10.53 -5.11
N GLY A 77 1.30 10.25 -5.03
CA GLY A 77 2.10 9.99 -6.22
C GLY A 77 2.25 8.53 -6.52
N ALA A 78 2.69 7.75 -5.53
CA ALA A 78 3.06 6.35 -5.73
C ALA A 78 1.92 5.35 -5.61
N GLY A 79 0.86 5.74 -4.91
CA GLY A 79 -0.20 4.82 -4.51
C GLY A 79 0.39 3.63 -3.76
N THR A 80 -0.12 2.43 -3.98
CA THR A 80 0.46 1.25 -3.32
C THR A 80 1.45 0.51 -4.22
N ARG A 81 1.92 1.17 -5.28
CA ARG A 81 2.76 0.54 -6.28
C ARG A 81 4.08 0.03 -5.75
N THR A 82 4.50 -1.06 -6.36
CA THR A 82 5.85 -1.56 -6.24
C THR A 82 6.85 -0.61 -6.92
N ILE A 83 8.11 -0.76 -6.58
CA ILE A 83 9.16 -0.05 -7.24
C ILE A 83 10.06 -0.97 -8.04
N ALA A 84 10.45 -0.54 -9.24
CA ALA A 84 11.32 -1.35 -10.07
C ALA A 84 12.72 -1.46 -9.46
N SER A 85 13.28 -2.65 -9.57
CA SER A 85 14.57 -2.95 -8.99
C SER A 85 15.24 -3.98 -9.87
N PRO A 86 16.53 -4.24 -9.62
CA PRO A 86 17.33 -5.22 -10.37
C PRO A 86 16.72 -6.63 -10.34
N LYS A 87 16.00 -6.98 -9.30
CA LYS A 87 15.51 -8.31 -9.13
C LYS A 87 14.02 -8.40 -9.41
N GLY A 88 13.40 -7.34 -9.91
CA GLY A 88 11.97 -7.37 -10.11
C GLY A 88 11.23 -6.44 -9.15
N PRO A 89 9.91 -6.50 -9.16
CA PRO A 89 9.17 -5.49 -8.37
C PRO A 89 9.31 -5.66 -6.85
N VAL A 90 9.54 -4.55 -6.17
CA VAL A 90 9.71 -4.52 -4.72
C VAL A 90 8.47 -3.93 -4.06
N THR A 91 7.90 -4.65 -3.10
CA THR A 91 6.72 -4.19 -2.38
C THR A 91 7.03 -3.07 -1.40
N GLN A 92 6.10 -2.13 -1.25
CA GLN A 92 6.29 -1.10 -0.25
C GLN A 92 6.50 -1.78 1.08
N MET A 93 7.40 -1.18 1.84
CA MET A 93 7.71 -1.55 3.20
C MET A 93 6.84 -0.79 4.23
N TYR A 94 6.42 0.40 3.84
CA TYR A 94 5.62 1.30 4.65
C TYR A 94 4.58 1.92 3.73
N THR A 95 3.35 2.01 4.23
CA THR A 95 2.29 2.63 3.52
C THR A 95 1.40 3.31 4.56
N ASN A 96 1.22 4.62 4.40
CA ASN A 96 0.35 5.39 5.30
C ASN A 96 -0.36 6.54 4.57
N VAL A 97 -1.56 6.21 4.11
CA VAL A 97 -2.43 7.12 3.37
C VAL A 97 -2.76 8.35 4.20
N ASP A 98 -2.83 8.20 5.52
CA ASP A 98 -3.22 9.33 6.34
C ASP A 98 -2.11 10.40 6.39
N LYS A 99 -0.87 9.97 6.35
CA LYS A 99 0.22 10.83 6.32
C LYS A 99 0.63 11.20 4.90
N ASP A 100 0.07 10.54 3.91
CA ASP A 100 0.48 10.71 2.52
C ASP A 100 1.92 10.25 2.28
N LEU A 101 2.26 9.11 2.87
CA LEU A 101 3.63 8.61 2.95
C LEU A 101 3.72 7.14 2.54
N VAL A 102 4.71 6.85 1.72
CA VAL A 102 5.08 5.48 1.44
C VAL A 102 6.59 5.32 1.45
N GLY A 103 7.06 4.11 1.66
CA GLY A 103 8.47 3.86 1.54
C GLY A 103 8.85 2.49 1.07
N TRP A 104 9.98 2.40 0.35
CA TRP A 104 10.56 1.12 0.00
C TRP A 104 11.97 1.06 0.55
N GLN A 105 12.45 -0.16 0.69
CA GLN A 105 13.82 -0.43 1.04
C GLN A 105 14.69 0.36 0.04
N ALA A 106 15.68 1.12 0.52
CA ALA A 106 16.51 1.93 -0.38
C ALA A 106 17.33 1.09 -1.36
N PRO A 107 17.36 1.49 -2.65
CA PRO A 107 18.14 0.83 -3.71
C PRO A 107 19.62 0.68 -3.40
N GLN A 108 20.21 -0.42 -3.85
CA GLN A 108 21.64 -0.63 -3.77
C GLN A 108 22.30 0.53 -4.49
N GLY A 109 23.28 1.15 -3.85
CA GLY A 109 23.96 2.29 -4.45
C GLY A 109 23.52 3.69 -4.06
N SER A 110 22.33 3.82 -3.51
CA SER A 110 21.82 5.11 -3.05
C SER A 110 22.49 5.47 -1.72
N ARG A 111 22.36 6.71 -1.24
CA ARG A 111 22.90 7.00 0.09
C ARG A 111 21.74 7.65 0.85
N SER A 112 21.71 7.53 2.18
CA SER A 112 20.58 8.12 2.91
C SER A 112 20.97 9.36 3.64
N LEU A 113 20.04 10.30 3.69
CA LEU A 113 20.18 11.43 4.59
C LEU A 113 20.01 10.95 6.02
N THR A 114 20.70 11.62 6.95
CA THR A 114 20.57 11.37 8.37
C THR A 114 19.41 12.21 8.86
N PRO A 115 18.47 11.63 9.64
CA PRO A 115 17.40 12.48 10.21
C PRO A 115 17.96 13.64 11.07
N CYS A 116 17.38 14.82 10.91
CA CYS A 116 17.83 15.99 11.61
C CYS A 116 17.59 15.95 13.15
N THR A 117 18.58 16.36 13.93
CA THR A 117 18.55 16.47 15.40
C THR A 117 18.98 17.87 15.81
N CYS A 118 19.13 18.80 14.87
CA CYS A 118 19.72 20.06 15.23
C CYS A 118 18.74 21.09 15.75
N GLY A 119 17.44 20.85 15.61
CA GLY A 119 16.41 21.75 16.15
C GLY A 119 16.19 23.09 15.43
N SER A 120 16.89 23.27 14.31
CA SER A 120 16.90 24.47 13.50
C SER A 120 15.61 24.73 12.72
N SER A 121 15.20 26.00 12.64
CA SER A 121 14.09 26.37 11.78
C SER A 121 14.54 26.96 10.42
N ASP A 122 15.84 26.98 10.13
CA ASP A 122 16.31 27.47 8.82
C ASP A 122 16.46 26.29 7.83
N LEU A 123 15.44 26.12 6.99
CA LEU A 123 15.32 24.94 6.14
C LEU A 123 15.55 25.24 4.65
N TYR A 124 15.74 24.18 3.87
CA TYR A 124 16.03 24.28 2.44
C TYR A 124 15.24 23.20 1.66
N LEU A 125 14.34 23.62 0.78
CA LEU A 125 13.55 22.69 -0.01
C LEU A 125 14.27 22.37 -1.32
N VAL A 126 14.49 21.09 -1.65
CA VAL A 126 15.12 20.73 -2.91
C VAL A 126 14.05 20.31 -3.93
N THR A 127 13.91 21.04 -5.05
CA THR A 127 12.88 20.74 -6.06
C THR A 127 13.42 19.82 -7.15
N ARG A 128 12.53 19.38 -8.03
CA ARG A 128 12.87 18.49 -9.13
C ARG A 128 13.69 19.14 -10.19
N HIS A 129 13.80 20.45 -10.13
CA HIS A 129 14.65 21.17 -11.05
C HIS A 129 15.99 21.49 -10.39
N ALA A 130 16.22 20.91 -9.23
CA ALA A 130 17.42 21.15 -8.45
C ALA A 130 17.46 22.58 -7.95
N ASP A 131 16.32 23.25 -7.83
CA ASP A 131 16.35 24.46 -7.06
C ASP A 131 16.50 24.14 -5.58
N VAL A 132 17.26 24.98 -4.88
CA VAL A 132 17.42 24.87 -3.45
C VAL A 132 16.83 26.13 -2.85
N ILE A 133 15.69 25.95 -2.21
CA ILE A 133 14.86 27.06 -1.79
C ILE A 133 14.83 27.29 -0.30
N PRO A 134 15.24 28.48 0.12
CA PRO A 134 15.17 28.66 1.56
C PRO A 134 13.74 28.71 2.08
N VAL A 135 13.52 28.00 3.18
CA VAL A 135 12.21 27.90 3.80
C VAL A 135 12.40 28.08 5.30
N ARG A 136 11.57 28.95 5.89
CA ARG A 136 11.57 29.19 7.31
C ARG A 136 10.51 28.27 7.97
N ARG A 137 10.96 27.41 8.88
CA ARG A 137 10.03 26.52 9.52
C ARG A 137 9.06 27.35 10.34
N ARG A 138 7.78 27.02 10.19
CA ARG A 138 6.70 27.71 10.88
C ARG A 138 5.92 26.82 11.85
N GLY A 139 6.01 25.51 11.68
CA GLY A 139 5.33 24.61 12.59
C GLY A 139 5.84 23.21 12.45
N ASP A 140 5.12 22.29 13.10
CA ASP A 140 5.48 20.88 13.02
C ASP A 140 5.59 20.43 11.58
N SER A 141 4.65 20.87 10.72
CA SER A 141 4.57 20.37 9.36
C SER A 141 4.48 21.49 8.30
N ARG A 142 4.92 22.69 8.67
CA ARG A 142 4.77 23.80 7.74
C ARG A 142 6.00 24.66 7.68
N GLY A 143 6.30 25.21 6.52
CA GLY A 143 7.37 26.19 6.41
C GLY A 143 7.01 27.24 5.37
N SER A 144 7.49 28.45 5.56
CA SER A 144 7.22 29.55 4.62
C SER A 144 8.35 29.68 3.62
N LEU A 145 7.98 29.98 2.39
CA LEU A 145 8.96 30.27 1.37
C LEU A 145 9.44 31.69 1.61
N LEU A 146 10.75 31.96 1.54
CA LEU A 146 11.19 33.35 1.71
C LEU A 146 10.81 34.10 0.50
N SER A 147 10.77 33.45 -0.65
CA SER A 147 10.26 34.17 -1.78
C SER A 147 9.15 33.26 -2.29
N PRO A 148 7.96 33.80 -2.37
CA PRO A 148 6.82 33.08 -2.94
C PRO A 148 7.04 32.78 -4.43
N ARG A 149 6.48 31.69 -4.93
CA ARG A 149 6.65 31.19 -6.26
C ARG A 149 5.30 30.73 -6.80
N PRO A 150 5.00 30.91 -8.10
CA PRO A 150 3.83 30.23 -8.66
C PRO A 150 4.07 28.76 -8.43
N ILE A 151 2.98 28.07 -8.16
CA ILE A 151 2.94 26.62 -7.91
C ILE A 151 3.53 25.75 -8.96
N SER A 152 3.42 26.17 -10.18
CA SER A 152 4.02 25.48 -11.29
C SER A 152 5.44 25.04 -11.07
N TYR A 153 6.13 25.76 -10.20
CA TYR A 153 7.51 25.58 -9.78
C TYR A 153 7.75 24.48 -8.78
N LEU A 154 6.74 24.22 -8.01
CA LEU A 154 6.75 23.24 -6.98
C LEU A 154 6.11 21.93 -7.37
N LYS A 155 5.33 21.91 -8.44
CA LYS A 155 4.71 20.81 -9.00
C LYS A 155 5.71 19.83 -9.51
N GLY A 156 5.56 18.58 -9.13
CA GLY A 156 6.51 17.57 -9.52
C GLY A 156 7.58 17.34 -8.46
N SER A 157 7.53 18.07 -7.36
CA SER A 157 8.51 17.90 -6.27
C SER A 157 8.03 17.24 -5.01
N ALA A 158 6.76 16.87 -4.91
CA ALA A 158 6.37 16.12 -3.73
C ALA A 158 7.28 14.87 -3.62
N GLY A 159 7.64 14.56 -2.38
CA GLY A 159 8.57 13.48 -2.18
C GLY A 159 10.01 13.92 -1.97
N GLY A 160 10.30 15.17 -2.27
CA GLY A 160 11.64 15.70 -2.07
C GLY A 160 11.93 16.15 -0.65
N PRO A 161 13.19 16.46 -0.37
CA PRO A 161 13.55 16.78 1.01
C PRO A 161 13.47 18.26 1.40
N LEU A 162 13.23 18.50 2.64
CA LEU A 162 13.58 19.69 3.33
C LEU A 162 14.79 19.38 4.16
N LEU A 163 15.87 20.13 3.96
CA LEU A 163 17.13 19.88 4.66
C LEU A 163 17.42 21.01 5.60
N CYS A 164 18.10 20.73 6.71
CA CYS A 164 18.57 21.79 7.60
C CYS A 164 19.91 22.25 7.05
N PRO A 165 20.51 23.28 7.65
CA PRO A 165 21.76 23.81 7.12
C PRO A 165 22.88 22.77 7.10
N ALA A 166 22.80 21.78 7.96
CA ALA A 166 23.81 20.72 7.99
C ALA A 166 23.56 19.61 6.95
N GLY A 167 22.48 19.75 6.21
CA GLY A 167 22.16 18.78 5.20
C GLY A 167 21.51 17.57 5.77
N HIS A 168 20.83 17.41 6.78
CA HIS A 168 20.02 16.60 7.67
C HIS A 168 18.61 16.71 7.11
N ALA A 169 18.15 15.55 6.97
CA ALA A 169 16.76 15.55 6.50
C ALA A 169 15.80 15.99 7.60
N VAL A 170 14.98 16.98 7.29
CA VAL A 170 13.98 17.50 8.21
C VAL A 170 12.58 16.99 7.81
N GLY A 171 12.34 16.80 6.53
CA GLY A 171 11.02 16.30 6.16
C GLY A 171 10.88 16.00 4.70
N ILE A 172 9.72 15.49 4.34
CA ILE A 172 9.42 15.15 2.96
C ILE A 172 8.35 16.13 2.49
N PHE A 173 8.60 16.84 1.39
CA PHE A 173 7.63 17.81 0.87
C PHE A 173 6.39 17.02 0.45
N ARG A 174 5.25 17.57 0.84
CA ARG A 174 3.93 16.98 0.56
C ARG A 174 2.85 17.82 -0.13
N ALA A 175 2.83 19.12 0.12
CA ALA A 175 1.72 19.93 -0.36
C ALA A 175 2.10 21.38 -0.37
N ALA A 176 1.42 22.18 -1.18
CA ALA A 176 1.80 23.57 -1.22
C ALA A 176 0.60 24.28 -0.67
N VAL A 177 0.89 25.30 0.12
CA VAL A 177 -0.10 26.19 0.65
C VAL A 177 -0.27 27.27 -0.37
N CYS A 178 -1.46 27.46 -0.92
CA CYS A 178 -1.60 28.32 -2.09
C CYS A 178 -2.69 29.35 -2.00
N THR A 179 -2.39 30.49 -2.59
CA THR A 179 -3.36 31.54 -2.76
C THR A 179 -3.32 32.15 -4.15
N ARG A 180 -4.44 32.10 -4.87
CA ARG A 180 -4.46 32.68 -6.19
C ARG A 180 -3.35 32.07 -7.07
N GLY A 181 -3.03 30.79 -6.83
CA GLY A 181 -2.03 30.07 -7.63
C GLY A 181 -0.58 30.33 -7.25
N VAL A 182 -0.39 31.04 -6.15
CA VAL A 182 0.93 31.33 -5.61
C VAL A 182 1.22 30.56 -4.34
N ALA A 183 2.30 29.79 -4.34
CA ALA A 183 2.62 29.07 -3.13
C ALA A 183 3.33 30.08 -2.23
N LYS A 184 2.93 30.13 -0.98
CA LYS A 184 3.63 31.01 -0.05
C LYS A 184 4.19 30.21 1.08
N ALA A 185 3.79 28.95 1.16
CA ALA A 185 4.27 28.07 2.20
C ALA A 185 4.19 26.60 1.72
N VAL A 186 4.87 25.73 2.44
CA VAL A 186 4.82 24.32 2.14
C VAL A 186 4.42 23.50 3.35
N ASP A 187 3.75 22.39 3.06
CA ASP A 187 3.42 21.40 4.05
C ASP A 187 4.31 20.19 3.77
N PHE A 188 4.87 19.66 4.85
CA PHE A 188 5.78 18.53 4.78
C PHE A 188 5.53 17.53 5.91
N ILE A 189 6.00 16.30 5.70
CA ILE A 189 5.92 15.21 6.68
C ILE A 189 7.22 15.28 7.45
N PRO A 190 7.14 15.58 8.76
CA PRO A 190 8.38 15.76 9.51
C PRO A 190 9.18 14.46 9.56
N VAL A 191 10.49 14.58 9.62
CA VAL A 191 11.31 13.39 9.69
C VAL A 191 10.90 12.53 10.89
N GLU A 192 10.43 13.15 11.92
CA GLU A 192 10.00 12.48 13.10
C GLU A 192 8.78 11.61 12.94
N SER A 193 7.93 11.95 12.01
CA SER A 193 6.81 11.11 11.64
C SER A 193 7.30 9.87 10.84
N LEU A 194 8.33 10.01 10.02
CA LEU A 194 8.89 8.83 9.37
C LEU A 194 9.48 7.86 10.42
N GLU A 195 10.19 8.38 11.42
CA GLU A 195 10.77 7.51 12.47
C GLU A 195 9.66 6.84 13.31
N THR A 196 8.54 7.50 13.55
CA THR A 196 7.47 6.83 14.25
C THR A 196 6.97 5.69 13.37
N THR A 197 6.80 5.97 12.09
CA THR A 197 6.44 4.94 11.13
C THR A 197 7.45 3.80 11.10
N MET A 198 8.74 4.09 11.24
CA MET A 198 9.69 3.00 11.19
C MET A 198 9.64 2.15 12.44
N HIS B 1 -3.67 -11.47 37.49
CA HIS B 1 -4.89 -11.26 38.28
C HIS B 1 -6.04 -10.75 37.41
N MET B 2 -7.25 -10.82 37.97
CA MET B 2 -8.52 -10.39 37.36
C MET B 2 -8.93 -8.96 37.10
N ALA B 3 -8.54 -8.04 37.96
CA ALA B 3 -8.87 -6.62 37.73
C ALA B 3 -8.28 -5.94 36.50
N SER B 4 -7.07 -6.31 36.12
CA SER B 4 -6.46 -5.69 34.94
C SER B 4 -6.31 -6.60 33.74
N MET B 5 -7.34 -7.36 33.41
CA MET B 5 -7.28 -8.27 32.28
C MET B 5 -7.44 -7.40 31.05
N LYS B 6 -6.80 -7.69 29.93
CA LYS B 6 -6.94 -6.87 28.74
C LYS B 6 -8.01 -7.38 27.74
N LYS B 7 -8.64 -6.55 26.94
CA LYS B 7 -9.47 -7.01 25.84
C LYS B 7 -8.62 -7.22 24.58
N LYS B 8 -9.10 -8.02 23.65
CA LYS B 8 -8.47 -8.16 22.39
C LYS B 8 -8.99 -7.04 21.53
N GLY B 9 -8.21 -6.67 20.55
CA GLY B 9 -8.67 -5.62 19.64
C GLY B 9 -9.72 -6.08 18.61
N SER B 10 -10.37 -5.15 17.93
CA SER B 10 -11.21 -5.52 16.79
C SER B 10 -10.34 -5.71 15.53
N VAL B 11 -10.84 -6.52 14.60
CA VAL B 11 -10.36 -6.51 13.23
C VAL B 11 -10.69 -5.15 12.61
N VAL B 12 -9.75 -4.62 11.84
CA VAL B 12 -9.92 -3.32 11.24
C VAL B 12 -9.74 -3.35 9.74
N ILE B 13 -10.69 -2.76 9.02
CA ILE B 13 -10.53 -2.54 7.58
C ILE B 13 -9.55 -1.41 7.34
N VAL B 14 -8.47 -1.70 6.64
CA VAL B 14 -7.42 -0.72 6.38
C VAL B 14 -7.22 -0.38 4.89
N GLY B 15 -7.99 -0.99 4.01
CA GLY B 15 -7.87 -0.75 2.59
C GLY B 15 -8.76 -1.68 1.82
N ARG B 16 -8.60 -1.68 0.49
CA ARG B 16 -9.40 -2.55 -0.38
C ARG B 16 -8.69 -2.98 -1.64
N ILE B 17 -9.21 -4.03 -2.25
CA ILE B 17 -8.76 -4.41 -3.60
C ILE B 17 -9.84 -3.99 -4.57
N ASN B 18 -9.49 -3.07 -5.45
CA ASN B 18 -10.39 -2.48 -6.41
C ASN B 18 -10.42 -3.40 -7.62
N LEU B 19 -11.60 -3.83 -8.00
CA LEU B 19 -11.80 -4.75 -9.11
C LEU B 19 -12.76 -4.17 -10.14
N SER B 20 -13.19 -2.92 -9.95
CA SER B 20 -14.22 -2.35 -10.80
C SER B 20 -13.80 -1.62 -12.09
N GLY B 21 -12.51 -1.49 -12.33
CA GLY B 21 -11.97 -0.94 -13.56
C GLY B 21 -11.61 -2.01 -14.55
N ASP B 22 -10.65 -1.67 -15.39
CA ASP B 22 -9.96 -2.56 -16.23
C ASP B 22 -8.75 -2.96 -15.47
N THR B 23 -8.42 -2.26 -14.42
CA THR B 23 -7.22 -2.62 -13.69
C THR B 23 -7.46 -2.83 -12.18
N ALA B 24 -6.85 -3.89 -11.64
CA ALA B 24 -6.90 -4.25 -10.23
C ALA B 24 -5.75 -3.57 -9.49
N TYR B 25 -6.10 -2.94 -8.38
CA TYR B 25 -5.13 -2.25 -7.55
C TYR B 25 -5.55 -2.13 -6.12
N ALA B 26 -4.56 -2.14 -5.24
CA ALA B 26 -4.81 -1.98 -3.83
C ALA B 26 -4.90 -0.51 -3.45
N GLN B 27 -5.81 -0.22 -2.53
CA GLN B 27 -5.96 1.12 -1.99
C GLN B 27 -5.89 1.04 -0.46
N GLN B 28 -5.09 1.87 0.15
CA GLN B 28 -5.09 1.94 1.60
C GLN B 28 -6.04 3.06 2.01
N THR B 29 -6.87 2.81 3.02
CA THR B 29 -7.84 3.83 3.43
C THR B 29 -7.56 4.26 4.88
N ARG B 30 -6.72 3.51 5.58
CA ARG B 30 -6.33 3.88 6.93
C ARG B 30 -4.88 3.44 7.19
N GLY B 31 -4.03 4.35 7.72
CA GLY B 31 -2.68 3.98 8.12
C GLY B 31 -2.53 3.33 9.48
N GLU B 32 -1.27 2.99 9.84
CA GLU B 32 -0.96 2.14 11.02
C GLU B 32 -1.43 2.73 12.35
N GLU B 33 -1.21 4.02 12.56
CA GLU B 33 -1.51 4.62 13.85
C GLU B 33 -3.03 4.60 14.01
N GLY B 34 -3.73 4.99 12.95
CA GLY B 34 -5.18 4.97 12.86
C GLY B 34 -5.78 3.59 13.07
N CYS B 35 -5.13 2.59 12.51
CA CYS B 35 -5.54 1.23 12.67
C CYS B 35 -5.52 0.83 14.15
N GLN B 36 -4.47 1.21 14.87
CA GLN B 36 -4.36 0.86 16.28
C GLN B 36 -5.50 1.45 17.13
N GLU B 37 -5.80 2.74 16.95
CA GLU B 37 -6.88 3.40 17.70
C GLU B 37 -8.19 2.66 17.42
N THR B 38 -8.45 2.41 16.14
CA THR B 38 -9.70 1.78 15.70
C THR B 38 -9.86 0.35 16.24
N SER B 39 -8.76 -0.36 16.34
CA SER B 39 -8.77 -1.69 16.87
C SER B 39 -9.22 -1.72 18.32
N GLN B 40 -8.74 -0.75 19.08
CA GLN B 40 -9.04 -0.63 20.50
C GLN B 40 -10.43 -0.09 20.74
N THR B 41 -10.81 0.94 20.00
CA THR B 41 -12.13 1.51 20.24
C THR B 41 -13.22 0.67 19.59
N GLY B 42 -12.89 0.07 18.45
CA GLY B 42 -13.87 -0.59 17.60
C GLY B 42 -14.76 0.34 16.81
N ARG B 43 -14.43 1.63 16.81
CA ARG B 43 -15.26 2.60 16.13
C ARG B 43 -14.52 3.08 14.89
N ASP B 44 -15.03 2.66 13.73
CA ASP B 44 -14.51 3.00 12.42
C ASP B 44 -15.55 3.77 11.61
N LYS B 45 -15.30 5.06 11.42
CA LYS B 45 -16.20 5.95 10.68
C LYS B 45 -15.86 6.09 9.18
N ASN B 46 -14.81 5.40 8.71
CA ASN B 46 -14.47 5.42 7.27
C ASN B 46 -15.53 4.80 6.37
N GLN B 47 -15.59 5.28 5.13
CA GLN B 47 -16.51 4.68 4.19
C GLN B 47 -15.95 3.48 3.44
N VAL B 48 -16.67 2.37 3.62
CA VAL B 48 -16.31 1.13 2.99
C VAL B 48 -16.84 1.04 1.55
N GLU B 49 -16.06 0.49 0.62
CA GLU B 49 -16.49 0.24 -0.76
C GLU B 49 -15.94 -1.08 -1.23
N GLY B 50 -16.64 -1.70 -2.16
CA GLY B 50 -16.11 -2.84 -2.88
C GLY B 50 -16.29 -4.18 -2.22
N GLU B 51 -15.64 -5.19 -2.78
CA GLU B 51 -15.88 -6.60 -2.43
C GLU B 51 -14.77 -7.23 -1.58
N VAL B 52 -13.53 -6.84 -1.85
CA VAL B 52 -12.39 -7.42 -1.17
C VAL B 52 -11.77 -6.36 -0.31
N GLN B 53 -11.80 -6.60 0.99
CA GLN B 53 -11.24 -5.68 1.93
C GLN B 53 -9.88 -6.14 2.39
N ILE B 54 -9.02 -5.19 2.67
CA ILE B 54 -7.78 -5.46 3.34
C ILE B 54 -8.04 -5.17 4.82
N VAL B 55 -7.71 -6.14 5.67
CA VAL B 55 -8.03 -6.02 7.07
C VAL B 55 -6.78 -6.28 7.90
N SER B 56 -6.74 -5.70 9.10
CA SER B 56 -5.61 -5.82 10.02
C SER B 56 -6.08 -6.03 11.44
N THR B 57 -5.29 -6.80 12.16
CA THR B 57 -5.29 -6.81 13.60
C THR B 57 -4.02 -6.12 14.07
N ALA B 58 -3.75 -6.14 15.37
CA ALA B 58 -2.51 -5.54 15.85
C ALA B 58 -1.26 -6.26 15.35
N THR B 59 -1.40 -7.54 15.04
CA THR B 59 -0.25 -8.37 14.73
C THR B 59 -0.19 -8.96 13.34
N GLN B 60 -1.30 -8.91 12.62
CA GLN B 60 -1.40 -9.60 11.35
C GLN B 60 -2.22 -8.75 10.38
N THR B 61 -1.90 -8.87 9.09
CA THR B 61 -2.75 -8.33 8.04
C THR B 61 -3.15 -9.34 6.95
N PHE B 62 -4.40 -9.28 6.53
CA PHE B 62 -4.97 -10.27 5.60
C PHE B 62 -6.19 -9.74 4.82
N LEU B 63 -7.00 -10.60 4.22
CA LEU B 63 -8.09 -10.09 3.42
C LEU B 63 -9.44 -10.57 3.96
N ALA B 64 -10.50 -9.91 3.51
CA ALA B 64 -11.84 -10.34 3.80
C ALA B 64 -12.71 -10.05 2.57
N THR B 65 -13.65 -10.95 2.32
CA THR B 65 -14.41 -10.91 1.08
C THR B 65 -15.90 -10.94 1.37
N SER B 66 -16.64 -10.09 0.73
CA SER B 66 -18.06 -10.05 0.87
C SER B 66 -18.76 -10.98 -0.07
N ILE B 67 -19.64 -11.81 0.45
CA ILE B 67 -20.45 -12.71 -0.37
C ILE B 67 -21.82 -12.80 0.29
N ASN B 68 -22.91 -12.58 -0.45
CA ASN B 68 -24.25 -12.64 0.18
C ASN B 68 -24.42 -11.78 1.41
N GLY B 69 -23.87 -10.57 1.43
CA GLY B 69 -24.13 -9.72 2.56
C GLY B 69 -23.34 -10.09 3.79
N VAL B 70 -22.36 -10.98 3.63
CA VAL B 70 -21.53 -11.37 4.75
C VAL B 70 -20.07 -11.08 4.37
N LEU B 71 -19.32 -10.45 5.29
CA LEU B 71 -17.89 -10.24 5.07
C LEU B 71 -17.15 -11.47 5.66
N TRP B 72 -16.53 -12.26 4.80
CA TRP B 72 -15.90 -13.50 5.22
C TRP B 72 -14.38 -13.35 5.30
N THR B 73 -13.78 -14.07 6.26
CA THR B 73 -12.34 -14.21 6.33
C THR B 73 -11.95 -15.50 7.06
N VAL B 74 -10.65 -15.68 7.27
CA VAL B 74 -10.12 -16.88 7.88
C VAL B 74 -10.02 -16.74 9.43
N TYR B 75 -10.37 -17.82 10.13
CA TYR B 75 -10.25 -17.85 11.59
C TYR B 75 -8.81 -17.67 12.10
N HIS B 76 -7.84 -18.24 11.39
CA HIS B 76 -6.44 -18.17 11.80
C HIS B 76 -5.93 -16.75 11.71
N GLY B 77 -6.69 -15.89 11.04
CA GLY B 77 -6.40 -14.47 11.00
C GLY B 77 -7.19 -13.71 12.04
N ALA B 78 -8.51 -13.90 12.02
CA ALA B 78 -9.43 -13.09 12.83
C ALA B 78 -9.67 -13.59 14.24
N GLY B 79 -9.46 -14.89 14.45
CA GLY B 79 -9.87 -15.54 15.68
C GLY B 79 -11.35 -15.28 15.89
N THR B 80 -11.77 -15.03 17.13
CA THR B 80 -13.16 -14.71 17.43
C THR B 80 -13.41 -13.21 17.54
N ARG B 81 -12.49 -12.40 17.02
CA ARG B 81 -12.53 -10.93 17.18
C ARG B 81 -13.75 -10.29 16.54
N THR B 82 -14.19 -9.23 17.20
CA THR B 82 -15.12 -8.30 16.60
C THR B 82 -14.50 -7.55 15.44
N ILE B 83 -15.35 -6.94 14.63
CA ILE B 83 -14.87 -6.04 13.61
C ILE B 83 -15.30 -4.64 13.92
N ALA B 84 -14.40 -3.68 13.69
CA ALA B 84 -14.69 -2.28 13.94
C ALA B 84 -15.74 -1.78 12.94
N SER B 85 -16.65 -0.94 13.42
CA SER B 85 -17.73 -0.42 12.60
C SER B 85 -18.04 0.98 13.08
N PRO B 86 -18.89 1.72 12.34
CA PRO B 86 -19.27 3.11 12.65
C PRO B 86 -19.87 3.22 14.06
N LYS B 87 -20.54 2.17 14.51
CA LYS B 87 -21.22 2.12 15.77
C LYS B 87 -20.55 1.34 16.86
N GLY B 88 -19.34 0.94 16.64
CA GLY B 88 -18.65 0.12 17.61
C GLY B 88 -18.42 -1.30 17.18
N PRO B 89 -17.91 -2.14 18.09
CA PRO B 89 -17.53 -3.47 17.64
C PRO B 89 -18.73 -4.34 17.30
N VAL B 90 -18.62 -5.05 16.17
CA VAL B 90 -19.66 -5.93 15.68
C VAL B 90 -19.18 -7.35 15.93
N THR B 91 -20.01 -8.14 16.59
CA THR B 91 -19.68 -9.53 16.89
C THR B 91 -19.76 -10.40 15.66
N GLN B 92 -18.89 -11.41 15.57
CA GLN B 92 -18.98 -12.32 14.46
C GLN B 92 -20.38 -12.93 14.42
N MET B 93 -20.87 -13.09 13.22
CA MET B 93 -22.12 -13.75 12.89
C MET B 93 -21.95 -15.26 12.66
N TYR B 94 -20.76 -15.65 12.20
CA TYR B 94 -20.39 -17.03 11.90
C TYR B 94 -18.97 -17.25 12.42
N THR B 95 -18.74 -18.40 13.02
CA THR B 95 -17.43 -18.77 13.50
C THR B 95 -17.34 -20.28 13.32
N ASN B 96 -16.34 -20.73 12.57
CA ASN B 96 -16.12 -22.17 12.35
C ASN B 96 -14.62 -22.49 12.16
N VAL B 97 -14.01 -22.82 13.29
CA VAL B 97 -12.60 -23.14 13.42
C VAL B 97 -12.25 -24.34 12.55
N ASP B 98 -13.19 -25.25 12.35
CA ASP B 98 -12.89 -26.45 11.58
C ASP B 98 -12.68 -26.14 10.11
N LYS B 99 -13.44 -25.19 9.62
CA LYS B 99 -13.29 -24.71 8.33
C LYS B 99 -12.29 -23.56 8.23
N ASP B 100 -11.82 -23.03 9.33
CA ASP B 100 -10.97 -21.86 9.31
C ASP B 100 -11.70 -20.65 8.74
N LEU B 101 -12.94 -20.48 9.19
CA LEU B 101 -13.89 -19.53 8.62
C LEU B 101 -14.61 -18.70 9.68
N VAL B 102 -14.67 -17.41 9.45
CA VAL B 102 -15.52 -16.51 10.20
C VAL B 102 -16.22 -15.51 9.30
N GLY B 103 -17.31 -14.95 9.77
CA GLY B 103 -17.92 -13.90 9.02
C GLY B 103 -18.62 -12.88 9.89
N TRP B 104 -18.66 -11.63 9.40
CA TRP B 104 -19.45 -10.58 10.02
C TRP B 104 -20.42 -10.08 8.95
N GLN B 105 -21.49 -9.48 9.41
CA GLN B 105 -22.43 -8.78 8.57
C GLN B 105 -21.66 -7.77 7.74
N ALA B 106 -21.88 -7.76 6.41
CA ALA B 106 -21.13 -6.86 5.54
C ALA B 106 -21.37 -5.39 5.83
N PRO B 107 -20.30 -4.58 5.89
CA PRO B 107 -20.30 -3.13 6.08
C PRO B 107 -21.16 -2.40 5.07
N GLN B 108 -21.85 -1.40 5.52
CA GLN B 108 -22.46 -0.38 4.71
C GLN B 108 -21.56 0.18 3.59
N GLY B 109 -21.96 0.08 2.35
CA GLY B 109 -21.15 0.57 1.25
C GLY B 109 -20.35 -0.50 0.53
N SER B 110 -20.20 -1.63 1.15
CA SER B 110 -19.49 -2.72 0.49
C SER B 110 -20.44 -3.37 -0.52
N ARG B 111 -19.94 -4.21 -1.41
CA ARG B 111 -20.83 -4.91 -2.32
C ARG B 111 -20.45 -6.39 -2.20
N SER B 112 -21.38 -7.29 -2.46
CA SER B 112 -21.05 -8.69 -2.31
C SER B 112 -20.88 -9.35 -3.63
N LEU B 113 -19.95 -10.29 -3.66
CA LEU B 113 -19.89 -11.21 -4.77
C LEU B 113 -21.08 -12.16 -4.70
N THR B 114 -21.54 -12.58 -5.87
CA THR B 114 -22.59 -13.57 -6.03
C THR B 114 -21.88 -14.94 -6.04
N PRO B 115 -22.36 -15.94 -5.28
CA PRO B 115 -21.77 -17.29 -5.37
C PRO B 115 -21.79 -17.90 -6.80
N CYS B 116 -20.70 -18.57 -7.25
CA CYS B 116 -20.67 -19.18 -8.61
C CYS B 116 -21.70 -20.31 -8.60
N THR B 117 -22.43 -20.37 -9.70
CA THR B 117 -23.43 -21.36 -9.98
C THR B 117 -23.02 -21.98 -11.35
N CYS B 118 -21.82 -21.61 -11.86
CA CYS B 118 -21.42 -22.01 -13.22
C CYS B 118 -20.70 -23.32 -13.48
N GLY B 119 -20.23 -23.98 -12.44
CA GLY B 119 -19.55 -25.26 -12.58
C GLY B 119 -18.15 -25.21 -13.22
N SER B 120 -17.60 -24.03 -13.49
CA SER B 120 -16.29 -23.85 -14.16
C SER B 120 -15.07 -24.20 -13.30
N SER B 121 -14.07 -24.83 -13.91
CA SER B 121 -12.81 -25.04 -13.22
C SER B 121 -11.72 -24.01 -13.54
N ASP B 122 -12.04 -22.96 -14.30
CA ASP B 122 -11.07 -21.89 -14.60
C ASP B 122 -11.19 -20.74 -13.58
N LEU B 123 -10.32 -20.71 -12.58
CA LEU B 123 -10.44 -19.80 -11.46
C LEU B 123 -9.38 -18.69 -11.48
N TYR B 124 -9.61 -17.66 -10.67
CA TYR B 124 -8.75 -16.48 -10.57
C TYR B 124 -8.63 -16.10 -9.10
N LEU B 125 -7.41 -16.19 -8.57
CA LEU B 125 -7.13 -15.83 -7.18
C LEU B 125 -6.79 -14.35 -7.05
N VAL B 126 -7.47 -13.58 -6.20
CA VAL B 126 -7.11 -12.16 -6.04
C VAL B 126 -6.26 -11.97 -4.78
N THR B 127 -5.02 -11.51 -4.91
CA THR B 127 -4.13 -11.32 -3.74
C THR B 127 -4.19 -9.89 -3.17
N ARG B 128 -3.54 -9.68 -2.03
CA ARG B 128 -3.47 -8.40 -1.32
C ARG B 128 -2.66 -7.35 -2.03
N HIS B 129 -1.90 -7.77 -3.02
CA HIS B 129 -1.15 -6.86 -3.86
C HIS B 129 -1.92 -6.59 -5.15
N ALA B 130 -3.17 -7.04 -5.23
CA ALA B 130 -4.00 -6.91 -6.40
C ALA B 130 -3.48 -7.71 -7.61
N ASP B 131 -2.69 -8.76 -7.38
CA ASP B 131 -2.46 -9.70 -8.47
C ASP B 131 -3.71 -10.54 -8.74
N VAL B 132 -3.96 -10.85 -10.00
CA VAL B 132 -5.05 -11.73 -10.36
C VAL B 132 -4.36 -12.92 -10.97
N ILE B 133 -4.35 -14.03 -10.26
CA ILE B 133 -3.54 -15.17 -10.59
C ILE B 133 -4.44 -16.29 -11.09
N PRO B 134 -4.20 -16.77 -12.31
CA PRO B 134 -5.04 -17.87 -12.78
C PRO B 134 -4.79 -19.19 -12.01
N VAL B 135 -5.89 -19.85 -11.68
CA VAL B 135 -5.85 -21.08 -10.92
C VAL B 135 -6.79 -22.10 -11.54
N ARG B 136 -6.27 -23.31 -11.75
CA ARG B 136 -7.05 -24.42 -12.28
C ARG B 136 -7.60 -25.26 -11.13
N ARG B 137 -8.92 -25.34 -11.08
CA ARG B 137 -9.56 -26.07 -10.01
C ARG B 137 -9.17 -27.54 -10.16
N ARG B 138 -8.78 -28.14 -9.06
CA ARG B 138 -8.37 -29.54 -9.07
C ARG B 138 -9.28 -30.43 -8.19
N GLY B 139 -10.00 -29.82 -7.25
CA GLY B 139 -10.89 -30.57 -6.40
C GLY B 139 -11.86 -29.67 -5.68
N ASP B 140 -12.62 -30.19 -4.79
CA ASP B 140 -13.50 -29.34 -4.03
C ASP B 140 -12.84 -28.14 -3.40
N SER B 141 -11.62 -28.28 -2.98
CA SER B 141 -10.98 -27.36 -2.10
C SER B 141 -9.64 -26.97 -2.61
N ARG B 142 -9.33 -27.38 -3.79
CA ARG B 142 -7.97 -27.23 -4.23
C ARG B 142 -7.88 -26.69 -5.64
N GLY B 143 -6.86 -25.88 -5.88
CA GLY B 143 -6.58 -25.45 -7.23
C GLY B 143 -5.10 -25.27 -7.44
N SER B 144 -4.66 -25.50 -8.67
CA SER B 144 -3.26 -25.32 -9.01
C SER B 144 -3.03 -23.95 -9.60
N LEU B 145 -1.90 -23.38 -9.25
CA LEU B 145 -1.46 -22.13 -9.82
C LEU B 145 -0.91 -22.49 -11.19
N LEU B 146 -1.14 -21.70 -12.18
CA LEU B 146 -0.64 -22.01 -13.47
C LEU B 146 0.79 -21.70 -13.53
N SER B 147 1.20 -20.72 -12.75
CA SER B 147 2.60 -20.48 -12.63
C SER B 147 2.81 -20.52 -11.14
N PRO B 148 3.72 -21.37 -10.70
CA PRO B 148 4.08 -21.48 -9.29
C PRO B 148 4.72 -20.20 -8.81
N ARG B 149 4.48 -19.82 -7.56
CA ARG B 149 5.07 -18.67 -6.92
C ARG B 149 5.72 -19.04 -5.57
N PRO B 150 6.72 -18.31 -5.12
CA PRO B 150 7.19 -18.41 -3.74
C PRO B 150 6.04 -17.93 -2.92
N ILE B 151 5.89 -18.56 -1.78
CA ILE B 151 4.84 -18.29 -0.82
C ILE B 151 4.80 -16.86 -0.36
N SER B 152 5.93 -16.23 -0.27
CA SER B 152 5.99 -14.82 0.03
C SER B 152 5.03 -13.97 -0.76
N TYR B 153 4.73 -14.39 -1.95
CA TYR B 153 3.78 -13.70 -2.82
C TYR B 153 2.36 -13.93 -2.31
N LEU B 154 2.06 -15.11 -1.77
CA LEU B 154 0.68 -15.41 -1.36
C LEU B 154 0.36 -15.06 0.09
N LYS B 155 1.39 -14.88 0.91
CA LYS B 155 1.22 -14.51 2.30
C LYS B 155 0.52 -13.20 2.54
N GLY B 156 -0.49 -13.19 3.41
CA GLY B 156 -1.26 -11.99 3.64
C GLY B 156 -2.52 -11.97 2.80
N SER B 157 -2.75 -13.00 2.00
CA SER B 157 -3.94 -13.07 1.15
C SER B 157 -5.05 -14.02 1.59
N ALA B 158 -4.82 -14.78 2.65
CA ALA B 158 -5.90 -15.59 3.16
C ALA B 158 -7.10 -14.69 3.42
N GLY B 159 -8.29 -15.20 3.09
CA GLY B 159 -9.48 -14.40 3.18
C GLY B 159 -9.92 -13.79 1.87
N GLY B 160 -9.04 -13.82 0.88
CA GLY B 160 -9.39 -13.30 -0.43
C GLY B 160 -10.15 -14.30 -1.29
N PRO B 161 -10.68 -13.81 -2.41
CA PRO B 161 -11.53 -14.69 -3.24
C PRO B 161 -10.81 -15.46 -4.34
N LEU B 162 -11.35 -16.63 -4.65
CA LEU B 162 -11.16 -17.25 -5.96
C LEU B 162 -12.42 -16.96 -6.74
N LEU B 163 -12.27 -16.52 -7.97
CA LEU B 163 -13.38 -16.21 -8.85
C LEU B 163 -13.41 -16.99 -10.01
N CYS B 164 -14.50 -16.94 -10.73
CA CYS B 164 -14.88 -17.44 -12.00
C CYS B 164 -14.67 -16.55 -13.04
N PRO B 165 -14.82 -17.06 -14.21
CA PRO B 165 -14.57 -16.09 -15.28
C PRO B 165 -15.59 -15.03 -15.30
N ALA B 166 -16.75 -15.33 -14.82
CA ALA B 166 -17.84 -14.38 -14.76
C ALA B 166 -17.72 -13.45 -13.56
N GLY B 167 -16.70 -13.61 -12.75
CA GLY B 167 -16.54 -12.73 -11.62
C GLY B 167 -17.43 -13.14 -10.51
N HIS B 168 -17.90 -14.39 -10.53
CA HIS B 168 -18.69 -14.93 -9.44
C HIS B 168 -17.78 -15.52 -8.40
N ALA B 169 -18.21 -15.55 -7.15
CA ALA B 169 -17.33 -16.06 -6.05
C ALA B 169 -17.33 -17.56 -6.02
N VAL B 170 -16.15 -18.15 -6.08
CA VAL B 170 -16.06 -19.58 -6.03
C VAL B 170 -15.57 -20.04 -4.63
N GLY B 171 -14.73 -19.23 -3.99
CA GLY B 171 -14.25 -19.58 -2.67
C GLY B 171 -13.38 -18.55 -1.97
N ILE B 172 -12.97 -18.89 -0.76
CA ILE B 172 -12.14 -18.04 0.07
C ILE B 172 -10.79 -18.71 0.22
N PHE B 173 -9.71 -18.00 -0.15
CA PHE B 173 -8.37 -18.58 -0.06
C PHE B 173 -8.10 -18.83 1.43
N ARG B 174 -7.56 -20.01 1.69
CA ARG B 174 -7.23 -20.44 3.05
C ARG B 174 -5.81 -20.91 3.39
N ALA B 175 -5.12 -21.51 2.43
CA ALA B 175 -3.83 -22.15 2.73
C ALA B 175 -3.07 -22.37 1.44
N ALA B 176 -1.75 -22.50 1.54
CA ALA B 176 -0.99 -22.68 0.32
C ALA B 176 -0.45 -24.07 0.46
N VAL B 177 -0.43 -24.77 -0.65
CA VAL B 177 0.17 -26.07 -0.75
C VAL B 177 1.62 -25.91 -1.10
N CYS B 178 2.57 -26.31 -0.28
CA CYS B 178 3.95 -25.92 -0.36
C CYS B 178 4.98 -27.00 -0.48
N THR B 179 5.92 -26.82 -1.40
CA THR B 179 7.11 -27.62 -1.55
C THR B 179 8.37 -26.77 -1.67
N ARG B 180 9.32 -26.97 -0.78
CA ARG B 180 10.57 -26.21 -0.83
C ARG B 180 10.31 -24.69 -0.84
N GLY B 181 9.24 -24.25 -0.18
CA GLY B 181 8.92 -22.83 -0.08
C GLY B 181 8.22 -22.24 -1.30
N VAL B 182 7.84 -23.12 -2.22
CA VAL B 182 7.11 -22.78 -3.43
C VAL B 182 5.67 -23.25 -3.41
N ALA B 183 4.74 -22.32 -3.56
CA ALA B 183 3.35 -22.71 -3.59
C ALA B 183 3.12 -23.21 -5.01
N LYS B 184 2.51 -24.37 -5.12
CA LYS B 184 2.16 -24.86 -6.43
C LYS B 184 0.68 -25.04 -6.53
N ALA B 185 0.01 -24.93 -5.38
CA ALA B 185 -1.43 -25.08 -5.36
C ALA B 185 -1.98 -24.31 -4.17
N VAL B 186 -3.29 -24.08 -4.19
CA VAL B 186 -3.94 -23.40 -3.09
C VAL B 186 -5.11 -24.23 -2.56
N ASP B 187 -5.33 -24.07 -1.27
CA ASP B 187 -6.49 -24.64 -0.60
C ASP B 187 -7.43 -23.48 -0.26
N PHE B 188 -8.70 -23.70 -0.54
CA PHE B 188 -9.75 -22.70 -0.32
C PHE B 188 -11.02 -23.33 0.25
N ILE B 189 -11.83 -22.49 0.86
CA ILE B 189 -13.13 -22.85 1.43
C ILE B 189 -14.12 -22.59 0.32
N PRO B 190 -14.78 -23.66 -0.18
CA PRO B 190 -15.66 -23.43 -1.32
C PRO B 190 -16.85 -22.54 -0.94
N VAL B 191 -17.35 -21.76 -1.87
CA VAL B 191 -18.49 -20.92 -1.57
C VAL B 191 -19.68 -21.74 -1.06
N GLU B 192 -19.79 -22.99 -1.51
CA GLU B 192 -20.90 -23.83 -1.09
C GLU B 192 -20.82 -24.18 0.38
N SER B 193 -19.59 -24.25 0.87
CA SER B 193 -19.37 -24.46 2.27
C SER B 193 -19.79 -23.21 3.05
N LEU B 194 -19.60 -22.01 2.49
CA LEU B 194 -20.11 -20.80 3.13
C LEU B 194 -21.64 -20.81 3.18
N GLU B 195 -22.29 -21.25 2.10
CA GLU B 195 -23.76 -21.31 2.08
C GLU B 195 -24.31 -22.35 3.08
N THR B 196 -23.62 -23.46 3.28
CA THR B 196 -24.05 -24.41 4.31
C THR B 196 -23.93 -23.82 5.71
N THR B 197 -22.83 -23.14 5.97
CA THR B 197 -22.64 -22.42 7.24
C THR B 197 -23.74 -21.41 7.44
N MET B 198 -24.27 -20.88 6.38
CA MET B 198 -25.23 -19.81 6.43
C MET B 198 -26.59 -20.32 6.70
#